data_5DXI
#
_entry.id   5DXI
#
_cell.length_a   58.757
_cell.length_b   87.200
_cell.length_c   139.271
_cell.angle_alpha   90.000
_cell.angle_beta   90.000
_cell.angle_gamma   90.000
#
_symmetry.space_group_name_H-M   'P 21 21 21'
#
loop_
_entity.id
_entity.type
_entity.pdbx_description
1 polymer 'trehalose-6-phosphate phosphatase'
2 branched alpha-D-glucopyranose-(1-1)-alpha-D-glucopyranose
3 non-polymer 'MAGNESIUM ION'
4 non-polymer 'BERYLLIUM TRIFLUORIDE ION'
5 water water
#
_entity_poly.entity_id   1
_entity_poly.type   'polypeptide(L)'
_entity_poly.pdbx_seq_one_letter_code
;SNAYTPALNRPLLLNNYKESQRRLFLFDYDGTLTPIVQDPAAAIPSDKLNRILDVLSSDPKNQIWIISGRDQAFLEKWMG
NKNVGLSAEHGCFMKDIGSKEWVNLAASFDMSWQEKVDDIFKYYTEKTPGSNIERKKVALTWHYRRADPDLGNFQAEKCM
KELNDTVAKEYDVEVMAGKANIEVRPKFVNKGEIVKRLVLHPHGAKQEKHPTGHCTKDIPIEELPDFMLCLGDDLTDEDM
FNSLNEINKKWKGDNRPTNKFGSYGVYPVAVGPASKKTVAIAHLNEPRQVLETLGLLAGLVS
;
_entity_poly.pdbx_strand_id   A,B
#
# COMPACT_ATOMS: atom_id res chain seq x y z
N SER A 1 -2.10 2.53 15.53
CA SER A 1 -0.98 2.61 14.59
C SER A 1 0.42 2.68 15.26
N ASN A 2 0.63 3.45 16.33
CA ASN A 2 -0.30 4.45 16.80
C ASN A 2 -0.08 5.75 16.05
N ALA A 3 -1.19 6.34 15.61
CA ALA A 3 -1.20 7.45 14.68
C ALA A 3 -0.26 8.57 15.11
N TYR A 4 0.42 9.16 14.14
CA TYR A 4 1.37 10.22 14.41
C TYR A 4 0.83 11.57 13.94
N THR A 5 0.02 11.53 12.89
CA THR A 5 -0.62 12.71 12.34
C THR A 5 -2.08 12.40 12.09
N PRO A 6 -2.95 13.41 12.13
CA PRO A 6 -4.36 13.21 11.76
C PRO A 6 -4.52 13.05 10.24
N ALA A 7 -5.60 12.41 9.80
CA ALA A 7 -5.91 12.39 8.36
C ALA A 7 -6.17 13.81 7.91
N LEU A 8 -5.87 14.11 6.65
CA LEU A 8 -6.11 15.43 6.10
C LEU A 8 -7.59 15.80 6.17
N ASN A 9 -7.86 17.02 6.61
CA ASN A 9 -9.20 17.58 6.64
C ASN A 9 -9.57 18.11 5.24
N ARG A 10 -10.09 17.25 4.38
CA ARG A 10 -10.31 17.65 2.99
C ARG A 10 -11.33 18.78 2.82
N PRO A 11 -12.45 18.77 3.58
CA PRO A 11 -13.38 19.92 3.45
C PRO A 11 -12.77 21.27 3.80
N LEU A 12 -11.96 21.33 4.85
CA LEU A 12 -11.26 22.56 5.20
C LEU A 12 -10.29 22.95 4.09
N LEU A 13 -9.55 21.98 3.56
CA LEU A 13 -8.60 22.28 2.49
C LEU A 13 -9.35 22.92 1.32
N LEU A 14 -10.50 22.34 0.99
CA LEU A 14 -11.34 22.83 -0.10
C LEU A 14 -11.81 24.25 0.18
N ASN A 15 -12.24 24.49 1.41
CA ASN A 15 -12.70 25.83 1.78
C ASN A 15 -11.61 26.88 1.70
N ASN A 16 -10.41 26.53 2.17
CA ASN A 16 -9.31 27.48 2.14
C ASN A 16 -8.92 27.74 0.66
N TYR A 17 -8.98 26.68 -0.15
CA TYR A 17 -8.68 26.77 -1.58
C TYR A 17 -9.60 27.77 -2.29
N LYS A 18 -10.90 27.58 -2.11
CA LYS A 18 -11.86 28.43 -2.80
C LYS A 18 -11.88 29.87 -2.26
N GLU A 19 -11.46 30.05 -1.01
CA GLU A 19 -11.37 31.39 -0.44
C GLU A 19 -10.16 32.18 -0.95
N SER A 20 -9.07 31.46 -1.24
CA SER A 20 -7.78 32.07 -1.55
C SER A 20 -7.63 32.61 -2.98
N GLN A 21 -6.71 33.56 -3.16
CA GLN A 21 -6.48 34.21 -4.44
C GLN A 21 -5.16 33.79 -5.11
N ARG A 22 -4.15 33.49 -4.29
CA ARG A 22 -2.81 33.18 -4.82
C ARG A 22 -2.34 31.83 -4.31
N ARG A 23 -2.59 30.81 -5.12
CA ARG A 23 -2.40 29.45 -4.67
C ARG A 23 -1.09 28.88 -5.20
N LEU A 24 -0.37 28.19 -4.34
CA LEU A 24 0.89 27.55 -4.73
C LEU A 24 0.88 26.08 -4.35
N PHE A 25 0.93 25.23 -5.37
CA PHE A 25 1.00 23.79 -5.18
C PHE A 25 2.43 23.30 -5.33
N LEU A 26 2.87 22.51 -4.36
CA LEU A 26 4.25 22.02 -4.28
C LEU A 26 4.23 20.51 -4.20
N PHE A 27 4.31 19.86 -5.36
CA PHE A 27 4.09 18.42 -5.44
C PHE A 27 5.34 17.63 -5.62
N ASP A 28 5.58 16.74 -4.68
CA ASP A 28 6.44 15.60 -4.94
C ASP A 28 5.82 14.76 -6.09
N TYR A 29 6.64 14.02 -6.83
CA TYR A 29 6.10 13.14 -7.88
C TYR A 29 6.01 11.68 -7.43
N ASP A 30 7.14 11.00 -7.31
CA ASP A 30 7.14 9.57 -7.01
C ASP A 30 6.57 9.24 -5.63
N GLY A 31 5.65 8.28 -5.61
CA GLY A 31 5.01 7.84 -4.38
C GLY A 31 4.01 8.87 -3.86
N THR A 32 3.76 9.90 -4.65
CA THR A 32 2.93 11.00 -4.22
C THR A 32 1.83 11.26 -5.25
N LEU A 33 2.23 11.57 -6.49
CA LEU A 33 1.28 11.75 -7.59
C LEU A 33 1.08 10.45 -8.38
N THR A 34 1.95 9.47 -8.12
CA THR A 34 1.92 8.18 -8.80
C THR A 34 2.51 7.15 -7.86
N PRO A 35 2.02 5.91 -7.94
CA PRO A 35 2.49 4.93 -6.96
C PRO A 35 3.94 4.54 -7.11
N ILE A 36 4.52 4.05 -6.02
CA ILE A 36 5.83 3.44 -6.05
C ILE A 36 5.81 2.14 -6.83
N VAL A 37 6.67 2.00 -7.83
CA VAL A 37 6.75 0.74 -8.57
C VAL A 37 8.19 0.24 -8.68
N GLN A 38 8.30 -1.01 -9.14
CA GLN A 38 9.56 -1.71 -9.25
C GLN A 38 10.53 -1.04 -10.24
N ASP A 39 9.97 -0.67 -11.39
CA ASP A 39 10.75 -0.09 -12.49
C ASP A 39 10.48 1.41 -12.55
N PRO A 40 11.50 2.24 -12.25
CA PRO A 40 11.29 3.70 -12.21
C PRO A 40 10.77 4.24 -13.53
N ALA A 41 11.14 3.62 -14.64
CA ALA A 41 10.72 4.10 -15.95
C ALA A 41 9.22 3.92 -16.17
N ALA A 42 8.61 3.06 -15.36
CA ALA A 42 7.19 2.76 -15.46
C ALA A 42 6.31 3.68 -14.61
N ALA A 43 6.93 4.60 -13.88
CA ALA A 43 6.20 5.50 -12.98
C ALA A 43 5.56 6.64 -13.75
N ILE A 44 4.57 6.30 -14.56
CA ILE A 44 4.07 7.23 -15.56
C ILE A 44 2.82 7.97 -15.10
N PRO A 45 2.66 9.26 -15.48
CA PRO A 45 1.45 9.98 -15.07
C PRO A 45 0.17 9.33 -15.57
N SER A 46 -0.81 9.17 -14.67
CA SER A 46 -2.13 8.69 -15.03
C SER A 46 -2.89 9.79 -15.74
N ASP A 47 -3.92 9.41 -16.48
CA ASP A 47 -4.80 10.41 -17.11
C ASP A 47 -5.49 11.28 -16.04
N LYS A 48 -5.88 10.67 -14.94
CA LYS A 48 -6.51 11.44 -13.85
C LYS A 48 -5.59 12.56 -13.36
N LEU A 49 -4.32 12.24 -13.15
CA LEU A 49 -3.33 13.24 -12.77
C LEU A 49 -3.23 14.33 -13.84
N ASN A 50 -3.15 13.91 -15.10
CA ASN A 50 -3.05 14.88 -16.19
C ASN A 50 -4.25 15.79 -16.22
N ARG A 51 -5.45 15.25 -15.96
CA ARG A 51 -6.64 16.09 -16.00
C ARG A 51 -6.64 17.07 -14.83
N ILE A 52 -6.23 16.58 -13.68
CA ILE A 52 -6.11 17.43 -12.50
C ILE A 52 -5.16 18.59 -12.78
N LEU A 53 -3.98 18.27 -13.32
CA LEU A 53 -2.99 19.29 -13.57
C LEU A 53 -3.47 20.31 -14.59
N ASP A 54 -4.13 19.82 -15.65
CA ASP A 54 -4.66 20.74 -16.66
C ASP A 54 -5.68 21.71 -16.06
N VAL A 55 -6.65 21.18 -15.34
CA VAL A 55 -7.69 22.03 -14.76
C VAL A 55 -7.10 22.98 -13.72
N LEU A 56 -6.24 22.45 -12.86
CA LEU A 56 -5.65 23.30 -11.83
C LEU A 56 -4.75 24.38 -12.44
N SER A 57 -3.93 24.01 -13.42
CA SER A 57 -3.00 24.97 -14.01
C SER A 57 -3.72 26.01 -14.87
N SER A 58 -4.96 25.71 -15.26
CA SER A 58 -5.71 26.63 -16.13
C SER A 58 -6.21 27.85 -15.39
N ASP A 59 -6.38 27.70 -14.08
CA ASP A 59 -6.77 28.79 -13.22
C ASP A 59 -5.56 29.68 -12.97
N PRO A 60 -5.63 30.94 -13.41
CA PRO A 60 -4.49 31.84 -13.25
C PRO A 60 -4.19 32.16 -11.77
N LYS A 61 -5.11 31.83 -10.86
CA LYS A 61 -4.82 31.96 -9.43
C LYS A 61 -3.81 30.91 -8.96
N ASN A 62 -3.66 29.84 -9.74
CA ASN A 62 -2.84 28.71 -9.33
C ASN A 62 -1.45 28.69 -9.97
N GLN A 63 -0.44 28.38 -9.17
CA GLN A 63 0.90 28.05 -9.66
C GLN A 63 1.28 26.66 -9.15
N ILE A 64 1.64 25.77 -10.07
CA ILE A 64 1.94 24.40 -9.69
C ILE A 64 3.38 24.02 -9.96
N TRP A 65 4.04 23.44 -8.97
CA TRP A 65 5.42 22.98 -9.12
C TRP A 65 5.56 21.51 -8.77
N ILE A 66 6.28 20.79 -9.64
CA ILE A 66 6.68 19.42 -9.37
C ILE A 66 8.12 19.43 -8.89
N ILE A 67 8.32 19.01 -7.64
CA ILE A 67 9.63 19.07 -6.99
C ILE A 67 10.06 17.65 -6.64
N SER A 68 11.05 17.13 -7.36
CA SER A 68 11.29 15.71 -7.40
C SER A 68 12.76 15.35 -7.24
N GLY A 69 13.04 14.09 -6.89
CA GLY A 69 14.39 13.56 -6.96
C GLY A 69 14.79 13.18 -8.39
N ARG A 70 13.80 13.07 -9.27
CA ARG A 70 14.00 12.69 -10.68
C ARG A 70 14.96 13.65 -11.41
N ASP A 71 15.68 13.12 -12.40
CA ASP A 71 16.53 13.99 -13.20
C ASP A 71 15.66 14.82 -14.16
N GLN A 72 16.29 15.80 -14.81
CA GLN A 72 15.55 16.72 -15.69
C GLN A 72 14.89 16.00 -16.86
N ALA A 73 15.60 15.02 -17.41
CA ALA A 73 15.11 14.29 -18.58
C ALA A 73 13.75 13.66 -18.31
N PHE A 74 13.62 12.96 -17.17
CA PHE A 74 12.35 12.33 -16.81
C PHE A 74 11.22 13.38 -16.70
N LEU A 75 11.49 14.45 -15.96
CA LEU A 75 10.49 15.47 -15.71
C LEU A 75 10.09 16.19 -16.98
N GLU A 76 11.07 16.44 -17.85
CA GLU A 76 10.77 17.07 -19.12
C GLU A 76 9.85 16.13 -19.93
N LYS A 77 10.18 14.85 -19.93
CA LYS A 77 9.41 13.86 -20.67
C LYS A 77 7.95 13.80 -20.21
N TRP A 78 7.74 13.62 -18.91
CA TRP A 78 6.40 13.34 -18.42
C TRP A 78 5.64 14.53 -17.88
N MET A 79 6.32 15.66 -17.64
CA MET A 79 5.67 16.86 -17.12
C MET A 79 5.95 18.11 -17.94
N GLY A 80 6.82 17.99 -18.94
CA GLY A 80 7.32 19.15 -19.68
C GLY A 80 6.34 19.99 -20.47
N ASN A 81 5.33 19.35 -21.04
CA ASN A 81 4.34 20.08 -21.84
C ASN A 81 3.15 20.47 -20.98
N LYS A 82 3.22 20.17 -19.69
CA LYS A 82 2.13 20.56 -18.82
C LYS A 82 2.49 21.92 -18.25
N ASN A 83 1.50 22.64 -17.77
CA ASN A 83 1.75 24.02 -17.40
C ASN A 83 2.22 24.11 -15.94
N VAL A 84 3.35 23.48 -15.64
CA VAL A 84 3.85 23.39 -14.26
C VAL A 84 5.34 23.66 -14.16
N GLY A 85 5.76 24.15 -13.00
CA GLY A 85 7.16 24.31 -12.70
C GLY A 85 7.83 22.97 -12.45
N LEU A 86 9.13 22.89 -12.71
CA LEU A 86 9.87 21.66 -12.49
C LEU A 86 11.10 21.90 -11.62
N SER A 87 11.35 20.99 -10.70
CA SER A 87 12.58 21.00 -9.94
C SER A 87 13.10 19.58 -9.87
N ALA A 88 14.38 19.39 -10.17
CA ALA A 88 14.96 18.08 -10.36
C ALA A 88 16.09 17.82 -9.38
N GLU A 89 16.35 16.54 -9.11
CA GLU A 89 17.46 16.05 -8.30
C GLU A 89 17.52 16.65 -6.89
N HIS A 90 16.36 16.67 -6.23
CA HIS A 90 16.25 17.07 -4.83
C HIS A 90 16.78 18.50 -4.63
N GLY A 91 16.41 19.42 -5.52
CA GLY A 91 16.76 20.82 -5.35
C GLY A 91 17.95 21.34 -6.16
N CYS A 92 18.53 20.50 -7.01
CA CYS A 92 19.68 20.94 -7.80
C CYS A 92 19.29 21.80 -9.00
N PHE A 93 18.08 21.60 -9.53
CA PHE A 93 17.66 22.30 -10.74
C PHE A 93 16.26 22.85 -10.61
N MET A 94 16.00 23.99 -11.26
CA MET A 94 14.66 24.60 -11.30
C MET A 94 14.32 25.03 -12.71
N LYS A 95 13.06 24.92 -13.10
CA LYS A 95 12.66 25.50 -14.38
C LYS A 95 11.27 26.14 -14.25
N ASP A 96 11.25 27.47 -14.39
CA ASP A 96 10.01 28.24 -14.34
C ASP A 96 9.04 27.81 -15.45
N ILE A 97 7.76 28.05 -15.20
CA ILE A 97 6.71 27.68 -16.14
C ILE A 97 6.90 28.35 -17.50
N GLY A 98 7.30 29.60 -17.50
CA GLY A 98 7.55 30.25 -18.78
C GLY A 98 8.90 29.89 -19.40
N SER A 99 9.90 29.67 -18.57
CA SER A 99 11.28 29.49 -19.02
C SER A 99 11.58 28.33 -19.96
N LYS A 100 12.70 28.50 -20.68
CA LYS A 100 13.12 27.64 -21.77
C LYS A 100 14.29 26.78 -21.32
N GLU A 101 14.99 27.27 -20.30
CA GLU A 101 16.06 26.51 -19.68
C GLU A 101 15.98 26.45 -18.17
N TRP A 102 16.64 25.44 -17.66
CA TRP A 102 16.76 25.18 -16.24
C TRP A 102 17.80 26.10 -15.64
N VAL A 103 17.66 26.36 -14.34
CA VAL A 103 18.74 26.92 -13.54
C VAL A 103 19.42 25.80 -12.76
N ASN A 104 20.74 25.69 -12.85
CA ASN A 104 21.49 24.74 -12.03
C ASN A 104 21.93 25.38 -10.73
N LEU A 105 21.19 25.12 -9.65
CA LEU A 105 21.51 25.75 -8.36
C LEU A 105 22.80 25.20 -7.76
N ALA A 106 23.29 24.09 -8.31
CA ALA A 106 24.53 23.50 -7.81
C ALA A 106 25.72 23.74 -8.74
N ALA A 107 25.52 24.60 -9.74
CA ALA A 107 26.52 24.81 -10.80
C ALA A 107 27.89 25.22 -10.25
N SER A 108 27.92 25.86 -9.09
CA SER A 108 29.18 26.35 -8.55
C SER A 108 29.76 25.40 -7.51
N PHE A 109 29.04 24.31 -7.22
CA PHE A 109 29.47 23.37 -6.19
C PHE A 109 30.55 22.39 -6.65
N ASP A 110 31.39 21.98 -5.71
CA ASP A 110 32.40 20.96 -5.94
C ASP A 110 31.76 19.57 -6.15
N MET A 111 32.09 18.93 -7.27
CA MET A 111 31.51 17.64 -7.64
C MET A 111 32.46 16.46 -7.49
N SER A 112 33.60 16.66 -6.86
CA SER A 112 34.62 15.61 -6.82
C SER A 112 34.24 14.45 -5.89
N TRP A 113 33.21 14.64 -5.10
CA TRP A 113 32.70 13.58 -4.25
C TRP A 113 32.02 12.46 -5.05
N GLN A 114 31.56 12.78 -6.25
CA GLN A 114 30.72 11.87 -7.03
C GLN A 114 31.39 10.51 -7.28
N GLU A 115 32.65 10.53 -7.68
CA GLU A 115 33.35 9.30 -7.99
C GLU A 115 33.61 8.47 -6.75
N LYS A 116 33.83 9.14 -5.62
CA LYS A 116 34.02 8.41 -4.38
C LYS A 116 32.73 7.72 -3.95
N VAL A 117 31.60 8.42 -4.10
CA VAL A 117 30.30 7.82 -3.81
C VAL A 117 30.03 6.67 -4.79
N ASP A 118 30.32 6.91 -6.06
CA ASP A 118 30.15 5.92 -7.11
C ASP A 118 30.92 4.64 -6.79
N ASP A 119 32.20 4.80 -6.43
CA ASP A 119 33.05 3.69 -6.04
C ASP A 119 32.45 2.90 -4.88
N ILE A 120 31.91 3.62 -3.91
CA ILE A 120 31.33 2.96 -2.75
C ILE A 120 30.06 2.20 -3.16
N PHE A 121 29.25 2.82 -4.01
CA PHE A 121 28.03 2.21 -4.52
C PHE A 121 28.34 0.96 -5.34
N LYS A 122 29.42 1.00 -6.11
CA LYS A 122 29.81 -0.15 -6.92
C LYS A 122 30.13 -1.37 -6.05
N TYR A 123 30.79 -1.13 -4.92
CA TYR A 123 31.09 -2.19 -3.96
C TYR A 123 29.83 -2.84 -3.39
N TYR A 124 28.86 -2.03 -2.98
CA TYR A 124 27.65 -2.56 -2.38
C TYR A 124 26.71 -3.13 -3.42
N THR A 125 26.80 -2.61 -4.65
CA THR A 125 26.02 -3.18 -5.76
C THR A 125 26.49 -4.61 -6.03
N GLU A 126 27.81 -4.79 -6.04
CA GLU A 126 28.40 -6.09 -6.31
C GLU A 126 28.06 -7.08 -5.20
N LYS A 127 27.79 -6.59 -4.00
CA LYS A 127 27.46 -7.50 -2.92
C LYS A 127 25.90 -7.58 -2.79
N THR A 128 25.17 -6.94 -3.71
CA THR A 128 23.72 -6.94 -3.61
C THR A 128 23.05 -7.15 -4.96
N PRO A 129 22.81 -8.42 -5.30
CA PRO A 129 22.16 -8.78 -6.57
C PRO A 129 20.77 -8.13 -6.70
N GLY A 130 20.45 -7.58 -7.87
CA GLY A 130 19.19 -6.92 -8.08
C GLY A 130 19.26 -5.43 -7.81
N SER A 131 20.34 -4.98 -7.17
CA SER A 131 20.53 -3.55 -6.92
C SER A 131 21.18 -2.89 -8.13
N ASN A 132 21.00 -1.57 -8.29
CA ASN A 132 21.71 -0.84 -9.34
C ASN A 132 21.94 0.63 -8.99
N ILE A 133 22.83 1.25 -9.75
CA ILE A 133 23.23 2.63 -9.53
C ILE A 133 22.58 3.54 -10.55
N GLU A 134 21.98 4.63 -10.10
CA GLU A 134 21.44 5.63 -11.01
C GLU A 134 22.29 6.89 -10.88
N ARG A 135 22.99 7.23 -11.96
CA ARG A 135 23.84 8.42 -11.99
C ARG A 135 23.09 9.56 -12.66
N LYS A 136 22.64 10.52 -11.88
CA LYS A 136 21.98 11.67 -12.47
C LYS A 136 23.05 12.72 -12.72
N LYS A 137 22.67 13.96 -13.03
CA LYS A 137 23.68 14.97 -13.33
C LYS A 137 24.46 15.36 -12.08
N VAL A 138 23.75 15.56 -10.97
CA VAL A 138 24.41 15.90 -9.73
C VAL A 138 24.26 14.75 -8.72
N ALA A 139 23.02 14.49 -8.30
CA ALA A 139 22.74 13.44 -7.32
C ALA A 139 23.06 12.05 -7.86
N LEU A 140 23.43 11.15 -6.96
CA LEU A 140 23.58 9.73 -7.28
C LEU A 140 22.64 8.91 -6.42
N THR A 141 22.09 7.85 -7.01
CA THR A 141 21.12 7.02 -6.33
C THR A 141 21.52 5.56 -6.38
N TRP A 142 21.52 4.89 -5.23
CA TRP A 142 21.68 3.44 -5.23
C TRP A 142 20.33 2.79 -4.92
N HIS A 143 19.84 2.02 -5.88
CA HIS A 143 18.54 1.34 -5.76
C HIS A 143 18.70 -0.11 -5.30
N TYR A 144 17.91 -0.53 -4.32
CA TYR A 144 17.92 -1.95 -3.94
C TYR A 144 16.52 -2.54 -3.76
N ARG A 145 15.52 -1.92 -4.38
CA ARG A 145 14.15 -2.43 -4.29
C ARG A 145 14.05 -3.86 -4.85
N ARG A 146 14.76 -4.12 -5.94
CA ARG A 146 14.69 -5.43 -6.62
C ARG A 146 15.50 -6.53 -5.94
N ALA A 147 16.28 -6.17 -4.92
CA ALA A 147 17.08 -7.16 -4.20
C ALA A 147 16.25 -7.91 -3.17
N ASP A 148 16.81 -8.98 -2.62
CA ASP A 148 16.19 -9.64 -1.48
C ASP A 148 16.15 -8.65 -0.31
N PRO A 149 14.97 -8.52 0.32
CA PRO A 149 14.72 -7.53 1.38
C PRO A 149 15.80 -7.53 2.45
N ASP A 150 16.11 -8.69 3.00
CA ASP A 150 17.04 -8.79 4.13
C ASP A 150 18.46 -8.37 3.77
N LEU A 151 19.00 -8.91 2.70
CA LEU A 151 20.36 -8.59 2.32
C LEU A 151 20.45 -7.11 1.91
N GLY A 152 19.51 -6.68 1.07
CA GLY A 152 19.43 -5.30 0.64
C GLY A 152 19.43 -4.34 1.81
N ASN A 153 18.51 -4.55 2.75
CA ASN A 153 18.43 -3.68 3.94
C ASN A 153 19.69 -3.75 4.79
N PHE A 154 20.29 -4.94 4.87
CA PHE A 154 21.54 -5.13 5.59
C PHE A 154 22.66 -4.36 4.91
N GLN A 155 22.82 -4.59 3.61
CA GLN A 155 23.86 -3.90 2.84
C GLN A 155 23.64 -2.39 2.83
N ALA A 156 22.37 -1.99 2.78
CA ALA A 156 22.02 -0.58 2.77
C ALA A 156 22.47 0.11 4.03
N GLU A 157 22.25 -0.54 5.17
CA GLU A 157 22.58 0.03 6.47
C GLU A 157 24.07 0.29 6.62
N LYS A 158 24.89 -0.59 6.06
CA LYS A 158 26.32 -0.45 6.24
C LYS A 158 26.92 0.38 5.12
N CYS A 159 26.20 0.50 4.01
CA CYS A 159 26.57 1.47 3.00
C CYS A 159 26.35 2.87 3.57
N MET A 160 25.21 3.05 4.24
CA MET A 160 24.86 4.32 4.88
C MET A 160 25.93 4.75 5.88
N LYS A 161 26.35 3.80 6.70
CA LYS A 161 27.38 4.01 7.70
C LYS A 161 28.69 4.46 7.07
N GLU A 162 29.11 3.75 6.02
CA GLU A 162 30.39 4.01 5.39
C GLU A 162 30.45 5.36 4.70
N LEU A 163 29.38 5.70 3.99
CA LEU A 163 29.30 7.00 3.32
C LEU A 163 29.39 8.12 4.35
N ASN A 164 28.67 7.93 5.45
CA ASN A 164 28.59 8.91 6.52
C ASN A 164 29.90 9.07 7.30
N ASP A 165 30.73 8.03 7.28
CA ASP A 165 32.01 8.09 7.98
C ASP A 165 33.15 8.57 7.09
N THR A 166 32.94 8.54 5.78
CA THR A 166 33.98 8.95 4.84
C THR A 166 33.58 10.20 4.05
N VAL A 167 32.88 10.00 2.94
CA VAL A 167 32.51 11.08 2.04
C VAL A 167 31.79 12.22 2.74
N ALA A 168 30.87 11.89 3.65
CA ALA A 168 30.06 12.92 4.29
C ALA A 168 30.88 13.73 5.31
N LYS A 169 32.04 13.20 5.69
CA LYS A 169 32.97 13.95 6.54
C LYS A 169 33.85 14.86 5.69
N GLU A 170 34.26 14.37 4.53
CA GLU A 170 35.18 15.11 3.67
C GLU A 170 34.48 16.18 2.82
N TYR A 171 33.21 15.95 2.49
CA TYR A 171 32.46 16.90 1.67
C TYR A 171 31.19 17.32 2.39
N ASP A 172 30.65 18.46 2.01
CA ASP A 172 29.33 18.86 2.49
C ASP A 172 28.25 18.23 1.59
N VAL A 173 28.06 16.92 1.75
CA VAL A 173 27.00 16.22 1.03
C VAL A 173 26.04 15.60 2.04
N GLU A 174 24.80 15.41 1.62
CA GLU A 174 23.79 14.77 2.44
C GLU A 174 23.62 13.33 1.99
N VAL A 175 23.61 12.40 2.93
CA VAL A 175 23.36 11.00 2.60
C VAL A 175 21.93 10.63 3.01
N MET A 176 21.05 10.49 2.03
CA MET A 176 19.62 10.34 2.29
C MET A 176 19.17 8.91 2.12
N ALA A 177 18.60 8.31 3.16
CA ALA A 177 17.95 7.02 3.01
C ALA A 177 16.56 7.31 2.44
N GLY A 178 16.27 6.76 1.26
CA GLY A 178 14.97 6.92 0.64
C GLY A 178 14.31 5.55 0.56
N LYS A 179 13.09 5.49 0.04
CA LYS A 179 12.41 4.22 -0.11
C LYS A 179 13.23 3.27 -0.97
N ALA A 180 13.79 2.25 -0.32
CA ALA A 180 14.63 1.25 -0.96
C ALA A 180 15.74 1.88 -1.79
N ASN A 181 16.30 2.99 -1.29
CA ASN A 181 17.44 3.59 -1.96
C ASN A 181 18.37 4.31 -0.99
N ILE A 182 19.54 4.69 -1.50
CA ILE A 182 20.37 5.66 -0.84
C ILE A 182 20.63 6.74 -1.87
N GLU A 183 20.54 8.00 -1.51
CA GLU A 183 20.82 9.06 -2.44
C GLU A 183 21.84 9.97 -1.83
N VAL A 184 22.74 10.49 -2.63
CA VAL A 184 23.75 11.46 -2.19
C VAL A 184 23.71 12.72 -3.04
N ARG A 185 23.66 13.87 -2.38
CA ARG A 185 23.66 15.13 -3.10
C ARG A 185 24.22 16.22 -2.18
N PRO A 186 24.63 17.37 -2.76
CA PRO A 186 25.19 18.47 -1.98
C PRO A 186 24.23 18.86 -0.88
N LYS A 187 24.78 19.18 0.29
CA LYS A 187 23.97 19.44 1.45
C LYS A 187 23.22 20.76 1.32
N PHE A 188 23.79 21.71 0.60
CA PHE A 188 23.23 23.06 0.63
C PHE A 188 22.28 23.36 -0.53
N VAL A 189 21.99 22.33 -1.33
CA VAL A 189 20.80 22.32 -2.20
C VAL A 189 19.84 21.24 -1.68
N ASN A 190 18.54 21.53 -1.64
CA ASN A 190 17.53 20.58 -1.19
C ASN A 190 16.13 21.10 -1.49
N LYS A 191 15.12 20.24 -1.33
CA LYS A 191 13.75 20.60 -1.67
C LYS A 191 13.23 21.76 -0.78
N GLY A 192 13.79 21.89 0.41
CA GLY A 192 13.42 22.97 1.31
C GLY A 192 13.82 24.35 0.77
N GLU A 193 14.99 24.42 0.12
CA GLU A 193 15.44 25.64 -0.53
C GLU A 193 14.50 26.05 -1.65
N ILE A 194 14.10 25.05 -2.44
CA ILE A 194 13.18 25.26 -3.56
C ILE A 194 11.88 25.87 -3.04
N VAL A 195 11.35 25.28 -1.98
CA VAL A 195 10.09 25.74 -1.43
C VAL A 195 10.22 27.20 -0.92
N LYS A 196 11.33 27.50 -0.27
CA LYS A 196 11.60 28.88 0.17
C LYS A 196 11.64 29.84 -1.02
N ARG A 197 12.30 29.43 -2.11
CA ARG A 197 12.41 30.30 -3.28
C ARG A 197 11.08 30.53 -3.98
N LEU A 198 10.15 29.60 -3.79
CA LEU A 198 8.85 29.65 -4.45
C LEU A 198 7.81 30.36 -3.61
N VAL A 199 7.87 30.14 -2.29
CA VAL A 199 6.91 30.70 -1.36
C VAL A 199 7.23 32.16 -1.05
N LEU A 200 8.49 32.42 -0.69
CA LEU A 200 8.88 33.79 -0.35
C LEU A 200 9.27 34.51 -1.62
N HIS A 201 8.26 34.79 -2.45
CA HIS A 201 8.48 35.24 -3.82
C HIS A 201 7.15 35.78 -4.34
N PRO A 202 7.19 36.84 -5.17
CA PRO A 202 5.93 37.34 -5.71
C PRO A 202 5.18 36.29 -6.53
N HIS A 203 3.95 35.99 -6.14
CA HIS A 203 3.09 35.05 -6.86
C HIS A 203 2.73 35.60 -8.24
N GLY A 204 2.91 34.84 -9.31
CA GLY A 204 3.79 33.70 -9.40
C GLY A 204 4.81 34.12 -10.47
N ALA A 205 5.74 34.98 -10.06
CA ALA A 205 6.80 35.53 -10.89
C ALA A 205 7.95 34.55 -11.09
N LYS A 206 8.70 34.72 -12.17
CA LYS A 206 9.85 33.86 -12.41
C LYS A 206 10.94 34.09 -11.36
N GLN A 207 11.89 33.17 -11.30
CA GLN A 207 13.04 33.31 -10.40
C GLN A 207 14.05 34.36 -10.84
N GLU A 208 14.75 34.96 -9.88
CA GLU A 208 15.86 35.87 -10.14
C GLU A 208 16.98 35.16 -10.90
N PRO A 220 5.92 41.31 0.30
CA PRO A 220 4.68 42.05 0.54
C PRO A 220 3.47 41.13 0.49
N ILE A 221 2.63 41.20 1.53
CA ILE A 221 1.55 40.24 1.74
C ILE A 221 0.58 40.04 0.56
N GLU A 222 0.26 41.11 -0.16
CA GLU A 222 -0.63 40.99 -1.32
C GLU A 222 -0.06 40.14 -2.45
N GLU A 223 1.26 39.93 -2.45
CA GLU A 223 1.88 39.19 -3.54
C GLU A 223 2.30 37.80 -3.08
N LEU A 224 2.23 37.54 -1.77
CA LEU A 224 2.58 36.23 -1.23
C LEU A 224 1.47 35.22 -1.49
N PRO A 225 1.82 33.94 -1.61
CA PRO A 225 0.76 32.92 -1.68
C PRO A 225 -0.10 32.97 -0.42
N ASP A 226 -1.40 32.73 -0.53
CA ASP A 226 -2.25 32.68 0.66
C ASP A 226 -2.83 31.29 0.82
N PHE A 227 -2.38 30.39 -0.04
CA PHE A 227 -2.75 28.98 -0.01
C PHE A 227 -1.57 28.17 -0.54
N MET A 228 -1.01 27.30 0.30
CA MET A 228 0.09 26.46 -0.10
C MET A 228 -0.20 25.00 0.24
N LEU A 229 -0.25 24.15 -0.78
CA LEU A 229 -0.47 22.73 -0.54
C LEU A 229 0.76 21.96 -0.99
N CYS A 230 1.35 21.23 -0.06
CA CYS A 230 2.61 20.54 -0.32
C CYS A 230 2.47 19.07 0.06
N LEU A 231 2.78 18.19 -0.91
CA LEU A 231 2.64 16.75 -0.71
C LEU A 231 3.92 16.00 -1.00
N GLY A 232 4.26 15.04 -0.13
CA GLY A 232 5.42 14.20 -0.34
C GLY A 232 5.43 12.95 0.52
N ASP A 233 6.25 11.97 0.15
CA ASP A 233 6.16 10.64 0.73
C ASP A 233 7.44 10.16 1.35
N ASP A 234 8.54 10.89 1.14
CA ASP A 234 9.84 10.33 1.53
C ASP A 234 10.68 11.34 2.29
N LEU A 235 11.86 10.91 2.71
CA LEU A 235 12.69 11.71 3.57
C LEU A 235 13.05 13.05 2.94
N THR A 236 13.38 13.03 1.65
CA THR A 236 13.64 14.26 0.92
C THR A 236 12.54 15.31 1.08
N ASP A 237 11.29 14.86 1.20
CA ASP A 237 10.14 15.76 1.28
C ASP A 237 9.97 16.40 2.65
N GLU A 238 10.56 15.78 3.67
CA GLU A 238 10.59 16.39 5.00
C GLU A 238 11.27 17.78 4.95
N ASP A 239 12.18 17.96 4.00
CA ASP A 239 12.79 19.28 3.79
C ASP A 239 11.75 20.31 3.35
N MET A 240 10.81 19.89 2.51
CA MET A 240 9.73 20.77 2.12
C MET A 240 8.84 21.12 3.30
N PHE A 241 8.44 20.11 4.07
CA PHE A 241 7.52 20.34 5.19
C PHE A 241 8.16 21.26 6.22
N ASN A 242 9.44 20.99 6.51
CA ASN A 242 10.18 21.81 7.47
C ASN A 242 10.26 23.27 7.02
N SER A 243 10.57 23.50 5.75
CA SER A 243 10.64 24.88 5.24
C SER A 243 9.30 25.58 5.39
N LEU A 244 8.22 24.88 5.06
CA LEU A 244 6.88 25.46 5.24
C LEU A 244 6.55 25.76 6.70
N ASN A 245 6.91 24.86 7.61
CA ASN A 245 6.68 25.10 9.04
C ASN A 245 7.43 26.34 9.52
N GLU A 246 8.69 26.46 9.10
CA GLU A 246 9.52 27.60 9.46
C GLU A 246 8.95 28.91 8.93
N ILE A 247 8.48 28.90 7.69
CA ILE A 247 7.89 30.10 7.11
C ILE A 247 6.60 30.48 7.86
N ASN A 248 5.79 29.47 8.17
CA ASN A 248 4.56 29.69 8.90
C ASN A 248 4.85 30.29 10.26
N LYS A 249 5.88 29.77 10.93
CA LYS A 249 6.24 30.25 12.26
C LYS A 249 6.82 31.66 12.16
N LYS A 250 7.54 31.94 11.07
CA LYS A 250 8.11 33.26 10.84
C LYS A 250 6.95 34.25 10.68
N TRP A 251 5.95 33.86 9.91
CA TRP A 251 4.75 34.69 9.75
C TRP A 251 3.97 34.92 11.06
N LYS A 252 3.92 33.93 11.96
CA LYS A 252 3.22 34.13 13.24
C LYS A 252 4.14 34.75 14.30
N GLY A 253 5.46 34.65 14.12
CA GLY A 253 6.39 35.35 14.99
C GLY A 253 6.18 36.84 14.74
N ASP A 254 6.14 37.19 13.46
CA ASP A 254 5.66 38.49 13.05
C ASP A 254 4.15 38.41 13.27
N ASN A 255 3.44 39.53 13.30
CA ASN A 255 2.04 39.40 13.66
C ASN A 255 1.21 39.64 12.43
N ARG A 256 1.47 38.82 11.43
CA ARG A 256 0.77 38.91 10.18
C ARG A 256 -0.69 38.53 10.39
N PRO A 257 -1.61 39.31 9.79
CA PRO A 257 -3.05 39.00 9.84
C PRO A 257 -3.33 37.60 9.30
N THR A 258 -4.07 36.79 10.06
CA THR A 258 -4.42 35.46 9.59
C THR A 258 -5.68 35.52 8.72
N ASN A 259 -5.97 34.43 8.01
CA ASN A 259 -7.17 34.37 7.19
C ASN A 259 -8.41 34.04 8.05
N LYS A 260 -9.55 33.81 7.41
CA LYS A 260 -10.79 33.49 8.12
C LYS A 260 -10.71 32.18 8.91
N PHE A 261 -9.69 31.36 8.63
CA PHE A 261 -9.54 30.09 9.34
C PHE A 261 -8.47 30.14 10.43
N GLY A 262 -7.98 31.35 10.73
CA GLY A 262 -6.94 31.54 11.72
C GLY A 262 -5.57 31.01 11.31
N SER A 263 -5.39 30.76 10.02
CA SER A 263 -4.11 30.24 9.54
C SER A 263 -3.51 31.15 8.48
N TYR A 264 -2.45 30.68 7.86
CA TYR A 264 -1.85 31.38 6.74
C TYR A 264 -2.01 30.56 5.47
N GLY A 265 -2.83 29.52 5.53
CA GLY A 265 -3.08 28.68 4.37
C GLY A 265 -1.98 27.67 4.05
N VAL A 266 -1.16 27.35 5.04
CA VAL A 266 -0.02 26.45 4.80
C VAL A 266 -0.37 24.99 5.12
N TYR A 267 -0.33 24.13 4.11
CA TYR A 267 -0.70 22.73 4.33
C TYR A 267 0.40 21.74 3.87
N PRO A 268 1.36 21.45 4.77
CA PRO A 268 2.30 20.37 4.47
C PRO A 268 1.69 19.03 4.83
N VAL A 269 1.62 18.14 3.85
CA VAL A 269 0.86 16.90 3.99
C VAL A 269 1.70 15.70 3.57
N ALA A 270 1.91 14.76 4.49
CA ALA A 270 2.67 13.56 4.15
C ALA A 270 1.80 12.53 3.45
N VAL A 271 2.41 11.80 2.52
CA VAL A 271 1.75 10.66 1.91
C VAL A 271 2.32 9.41 2.56
N GLY A 272 1.45 8.69 3.27
CA GLY A 272 1.85 7.52 4.01
C GLY A 272 0.83 7.19 5.10
N PRO A 273 1.09 6.14 5.87
CA PRO A 273 0.12 5.71 6.87
C PRO A 273 0.04 6.67 8.07
N ALA A 274 -1.00 6.54 8.88
CA ALA A 274 -1.19 7.42 10.04
C ALA A 274 0.03 7.42 10.93
N SER A 275 0.71 6.28 11.00
CA SER A 275 1.80 6.06 11.93
C SER A 275 3.14 6.65 11.47
N LYS A 276 3.20 7.06 10.22
CA LYS A 276 4.42 7.64 9.67
C LYS A 276 4.87 8.90 10.42
N LYS A 277 6.12 8.89 10.87
CA LYS A 277 6.69 10.02 11.57
C LYS A 277 7.10 11.07 10.56
N THR A 278 6.66 12.30 10.77
CA THR A 278 6.82 13.37 9.78
C THR A 278 6.55 14.69 10.48
N VAL A 279 7.04 15.78 9.93
CA VAL A 279 6.69 17.08 10.51
C VAL A 279 5.51 17.71 9.77
N ALA A 280 4.94 16.97 8.81
CA ALA A 280 3.73 17.42 8.15
C ALA A 280 2.59 17.52 9.15
N ILE A 281 1.56 18.30 8.81
CA ILE A 281 0.47 18.54 9.73
C ILE A 281 -0.61 17.48 9.63
N ALA A 282 -0.59 16.72 8.54
CA ALA A 282 -1.58 15.69 8.28
C ALA A 282 -1.06 14.68 7.25
N HIS A 283 -1.75 13.56 7.10
CA HIS A 283 -1.35 12.60 6.07
C HIS A 283 -2.49 12.17 5.16
N LEU A 284 -2.10 11.62 4.00
CA LEU A 284 -2.98 10.87 3.10
C LEU A 284 -2.27 9.56 2.86
N ASN A 285 -3.03 8.46 2.85
CA ASN A 285 -2.43 7.14 2.83
C ASN A 285 -1.59 6.88 1.58
N GLU A 286 -2.12 7.27 0.43
CA GLU A 286 -1.52 6.86 -0.86
C GLU A 286 -1.77 7.84 -1.96
N PRO A 287 -1.04 7.69 -3.10
CA PRO A 287 -1.32 8.57 -4.24
C PRO A 287 -2.81 8.60 -4.64
N ARG A 288 -3.50 7.46 -4.51
CA ARG A 288 -4.93 7.43 -4.79
C ARG A 288 -5.70 8.53 -4.05
N GLN A 289 -5.47 8.65 -2.75
CA GLN A 289 -6.16 9.68 -1.98
C GLN A 289 -5.64 11.05 -2.33
N VAL A 290 -4.38 11.14 -2.73
CA VAL A 290 -3.84 12.42 -3.20
C VAL A 290 -4.64 12.92 -4.41
N LEU A 291 -4.86 12.03 -5.38
CA LEU A 291 -5.58 12.45 -6.58
C LEU A 291 -7.05 12.75 -6.28
N GLU A 292 -7.65 12.01 -5.35
CA GLU A 292 -9.02 12.29 -4.91
C GLU A 292 -9.09 13.72 -4.40
N THR A 293 -8.13 14.07 -3.53
CA THR A 293 -8.08 15.39 -2.92
C THR A 293 -7.82 16.47 -3.95
N LEU A 294 -6.84 16.24 -4.84
CA LEU A 294 -6.57 17.24 -5.87
C LEU A 294 -7.76 17.33 -6.84
N GLY A 295 -8.34 16.18 -7.16
CA GLY A 295 -9.54 16.12 -7.97
C GLY A 295 -10.67 16.93 -7.35
N LEU A 296 -10.82 16.82 -6.03
CA LEU A 296 -11.81 17.58 -5.29
C LEU A 296 -11.62 19.08 -5.48
N LEU A 297 -10.38 19.53 -5.30
CA LEU A 297 -10.07 20.94 -5.50
C LEU A 297 -10.33 21.35 -6.94
N ALA A 298 -10.05 20.42 -7.85
CA ALA A 298 -10.15 20.70 -9.28
C ALA A 298 -11.60 20.81 -9.78
N GLY A 299 -12.54 20.35 -8.97
CA GLY A 299 -13.93 20.32 -9.42
C GLY A 299 -14.22 19.13 -10.31
N LEU A 300 -13.40 18.08 -10.20
CA LEU A 300 -13.57 16.88 -11.02
C LEU A 300 -14.49 15.89 -10.33
N VAL A 301 -13.91 15.04 -9.49
CA VAL A 301 -14.67 14.04 -8.75
C VAL A 301 -14.22 14.02 -7.28
N TYR B 4 7.37 -3.32 2.00
CA TYR B 4 6.89 -3.32 0.62
C TYR B 4 6.89 -4.74 0.05
N THR B 5 5.99 -5.00 -0.89
CA THR B 5 5.95 -6.30 -1.52
C THR B 5 5.84 -6.09 -3.04
N PRO B 6 6.52 -6.93 -3.83
CA PRO B 6 6.46 -6.78 -5.29
C PRO B 6 5.12 -7.21 -5.88
N ALA B 7 4.79 -6.67 -7.04
CA ALA B 7 3.62 -7.12 -7.77
C ALA B 7 3.83 -8.58 -8.15
N LEU B 8 2.75 -9.33 -8.24
CA LEU B 8 2.85 -10.73 -8.63
C LEU B 8 3.46 -10.82 -10.04
N ASN B 9 4.41 -11.73 -10.19
CA ASN B 9 5.05 -12.01 -11.48
C ASN B 9 4.20 -12.97 -12.28
N ARG B 10 3.24 -12.44 -13.02
CA ARG B 10 2.29 -13.28 -13.75
C ARG B 10 2.93 -14.17 -14.82
N PRO B 11 3.93 -13.67 -15.57
CA PRO B 11 4.55 -14.59 -16.52
C PRO B 11 5.16 -15.83 -15.84
N LEU B 12 5.82 -15.65 -14.71
CA LEU B 12 6.33 -16.80 -13.96
C LEU B 12 5.20 -17.69 -13.44
N LEU B 13 4.16 -17.05 -12.90
CA LEU B 13 3.02 -17.78 -12.38
C LEU B 13 2.44 -18.70 -13.46
N LEU B 14 2.31 -18.15 -14.67
CA LEU B 14 1.75 -18.87 -15.81
C LEU B 14 2.61 -20.07 -16.21
N ASN B 15 3.92 -19.86 -16.29
CA ASN B 15 4.81 -20.95 -16.67
C ASN B 15 4.74 -22.07 -15.66
N ASN B 16 4.76 -21.70 -14.38
CA ASN B 16 4.67 -22.69 -13.30
C ASN B 16 3.32 -23.41 -13.32
N TYR B 17 2.25 -22.68 -13.62
CA TYR B 17 0.92 -23.25 -13.73
C TYR B 17 0.91 -24.35 -14.81
N LYS B 18 1.43 -24.02 -15.99
CA LYS B 18 1.37 -24.96 -17.12
C LYS B 18 2.25 -26.17 -16.92
N GLU B 19 3.30 -26.01 -16.13
CA GLU B 19 4.19 -27.11 -15.82
C GLU B 19 3.58 -28.10 -14.84
N SER B 20 2.77 -27.59 -13.91
CA SER B 20 2.29 -28.36 -12.78
C SER B 20 1.16 -29.32 -13.12
N GLN B 21 1.04 -30.36 -12.30
CA GLN B 21 0.10 -31.46 -12.51
C GLN B 21 -1.05 -31.41 -11.52
N ARG B 22 -0.76 -30.91 -10.33
CA ARG B 22 -1.72 -30.90 -9.24
C ARG B 22 -1.84 -29.50 -8.62
N ARG B 23 -2.84 -28.74 -9.07
CA ARG B 23 -2.95 -27.35 -8.66
C ARG B 23 -3.98 -27.22 -7.55
N LEU B 24 -3.66 -26.36 -6.59
CA LEU B 24 -4.59 -26.08 -5.52
C LEU B 24 -4.76 -24.56 -5.40
N PHE B 25 -5.99 -24.10 -5.65
CA PHE B 25 -6.33 -22.70 -5.52
C PHE B 25 -7.04 -22.46 -4.18
N LEU B 26 -6.55 -21.45 -3.46
CA LEU B 26 -7.05 -21.17 -2.13
C LEU B 26 -7.49 -19.71 -2.11
N PHE B 27 -8.77 -19.48 -2.36
CA PHE B 27 -9.29 -18.13 -2.57
C PHE B 27 -10.08 -17.60 -1.38
N ASP B 28 -9.61 -16.51 -0.83
CA ASP B 28 -10.46 -15.65 -0.08
C ASP B 28 -11.57 -15.14 -1.01
N TYR B 29 -12.71 -14.76 -0.45
CA TYR B 29 -13.78 -14.22 -1.29
C TYR B 29 -13.85 -12.67 -1.25
N ASP B 30 -14.31 -12.11 -0.13
CA ASP B 30 -14.56 -10.66 -0.07
C ASP B 30 -13.29 -9.85 -0.19
N GLY B 31 -13.30 -8.86 -1.08
CA GLY B 31 -12.14 -8.00 -1.30
C GLY B 31 -11.04 -8.69 -2.07
N THR B 32 -11.36 -9.88 -2.57
CA THR B 32 -10.37 -10.71 -3.23
C THR B 32 -10.87 -11.16 -4.60
N LEU B 33 -11.98 -11.89 -4.63
CA LEU B 33 -12.65 -12.30 -5.86
C LEU B 33 -13.74 -11.31 -6.25
N THR B 34 -14.09 -10.41 -5.34
CA THR B 34 -15.14 -9.43 -5.58
C THR B 34 -14.84 -8.21 -4.70
N PRO B 35 -15.19 -7.01 -5.17
CA PRO B 35 -14.75 -5.86 -4.36
C PRO B 35 -15.46 -5.66 -3.01
N ILE B 36 -14.75 -4.96 -2.14
CA ILE B 36 -15.31 -4.51 -0.88
C ILE B 36 -16.43 -3.52 -1.20
N VAL B 37 -17.62 -3.76 -0.67
CA VAL B 37 -18.73 -2.83 -0.83
C VAL B 37 -19.40 -2.50 0.50
N GLN B 38 -20.26 -1.49 0.47
CA GLN B 38 -20.95 -1.02 1.68
C GLN B 38 -21.86 -2.08 2.27
N ASP B 39 -22.62 -2.72 1.40
CA ASP B 39 -23.61 -3.69 1.83
C ASP B 39 -23.08 -5.10 1.54
N PRO B 40 -22.77 -5.87 2.60
CA PRO B 40 -22.19 -7.21 2.43
C PRO B 40 -23.07 -8.13 1.56
N ALA B 41 -24.38 -7.92 1.60
CA ALA B 41 -25.29 -8.75 0.83
C ALA B 41 -25.19 -8.50 -0.69
N ALA B 42 -24.59 -7.37 -1.06
CA ALA B 42 -24.43 -6.99 -2.47
C ALA B 42 -23.10 -7.48 -3.06
N ALA B 43 -22.28 -8.14 -2.24
CA ALA B 43 -20.97 -8.61 -2.67
C ALA B 43 -21.08 -9.91 -3.47
N ILE B 44 -21.70 -9.82 -4.64
CA ILE B 44 -22.07 -11.01 -5.41
C ILE B 44 -21.05 -11.25 -6.53
N PRO B 45 -20.87 -12.51 -6.94
CA PRO B 45 -19.91 -12.83 -8.00
C PRO B 45 -20.22 -12.12 -9.30
N SER B 46 -19.21 -11.54 -9.95
CA SER B 46 -19.37 -11.00 -11.29
C SER B 46 -19.51 -12.13 -12.31
N ASP B 47 -19.95 -11.77 -13.52
CA ASP B 47 -20.01 -12.74 -14.61
C ASP B 47 -18.61 -13.26 -14.92
N LYS B 48 -17.65 -12.36 -14.94
CA LYS B 48 -16.27 -12.75 -15.20
C LYS B 48 -15.77 -13.79 -14.20
N LEU B 49 -16.03 -13.56 -12.92
CA LEU B 49 -15.63 -14.52 -11.89
C LEU B 49 -16.30 -15.87 -12.09
N ASN B 50 -17.61 -15.87 -12.30
CA ASN B 50 -18.33 -17.13 -12.47
C ASN B 50 -17.81 -17.95 -13.64
N ARG B 51 -17.44 -17.29 -14.73
CA ARG B 51 -16.93 -18.01 -15.89
C ARG B 51 -15.52 -18.53 -15.61
N ILE B 52 -14.70 -17.70 -14.96
CA ILE B 52 -13.35 -18.11 -14.58
C ILE B 52 -13.39 -19.35 -13.67
N LEU B 53 -14.27 -19.35 -12.67
CA LEU B 53 -14.35 -20.50 -11.76
C LEU B 53 -14.76 -21.77 -12.52
N ASP B 54 -15.77 -21.62 -13.36
CA ASP B 54 -16.23 -22.74 -14.18
C ASP B 54 -15.09 -23.29 -15.06
N VAL B 55 -14.38 -22.43 -15.78
CA VAL B 55 -13.31 -22.91 -16.62
C VAL B 55 -12.15 -23.50 -15.83
N LEU B 56 -11.74 -22.84 -14.75
CA LEU B 56 -10.65 -23.38 -13.94
C LEU B 56 -11.00 -24.73 -13.31
N SER B 57 -12.21 -24.86 -12.80
CA SER B 57 -12.60 -26.11 -12.15
C SER B 57 -12.80 -27.24 -13.18
N SER B 58 -12.96 -26.89 -14.45
CA SER B 58 -13.19 -27.90 -15.49
C SER B 58 -11.88 -28.66 -15.81
N ASP B 59 -10.75 -28.05 -15.50
CA ASP B 59 -9.46 -28.71 -15.60
C ASP B 59 -9.29 -29.68 -14.43
N PRO B 60 -9.24 -30.99 -14.71
CA PRO B 60 -9.12 -31.97 -13.61
C PRO B 60 -7.81 -31.91 -12.82
N LYS B 61 -6.81 -31.21 -13.32
CA LYS B 61 -5.57 -30.98 -12.57
C LYS B 61 -5.81 -29.99 -11.40
N ASN B 62 -6.91 -29.26 -11.48
CA ASN B 62 -7.19 -28.18 -10.54
C ASN B 62 -8.14 -28.56 -9.42
N GLN B 63 -7.81 -28.11 -8.21
CA GLN B 63 -8.74 -28.12 -7.08
C GLN B 63 -8.86 -26.69 -6.54
N ILE B 64 -10.10 -26.20 -6.47
CA ILE B 64 -10.36 -24.83 -6.05
C ILE B 64 -11.16 -24.80 -4.75
N TRP B 65 -10.69 -24.00 -3.80
CA TRP B 65 -11.38 -23.83 -2.51
C TRP B 65 -11.67 -22.35 -2.25
N ILE B 66 -12.90 -22.04 -1.82
CA ILE B 66 -13.24 -20.70 -1.36
C ILE B 66 -13.16 -20.70 0.16
N ILE B 67 -12.21 -19.95 0.73
CA ILE B 67 -12.00 -19.96 2.18
C ILE B 67 -12.31 -18.57 2.74
N SER B 68 -13.44 -18.46 3.43
CA SER B 68 -14.06 -17.17 3.66
C SER B 68 -14.49 -16.93 5.11
N GLY B 69 -14.68 -15.65 5.46
CA GLY B 69 -15.25 -15.29 6.74
C GLY B 69 -16.76 -15.44 6.71
N ARG B 70 -17.31 -15.53 5.51
CA ARG B 70 -18.76 -15.64 5.30
C ARG B 70 -19.36 -16.84 6.02
N ASP B 71 -20.64 -16.75 6.38
CA ASP B 71 -21.29 -17.93 6.94
C ASP B 71 -21.65 -18.90 5.80
N GLN B 72 -22.08 -20.10 6.18
CA GLN B 72 -22.38 -21.16 5.20
C GLN B 72 -23.50 -20.76 4.26
N ALA B 73 -24.49 -20.07 4.80
CA ALA B 73 -25.66 -19.67 4.01
C ALA B 73 -25.26 -18.84 2.77
N PHE B 74 -24.42 -17.84 2.98
CA PHE B 74 -23.94 -16.99 1.89
C PHE B 74 -23.15 -17.76 0.84
N LEU B 75 -22.20 -18.56 1.30
CA LEU B 75 -21.35 -19.32 0.40
C LEU B 75 -22.18 -20.32 -0.39
N GLU B 76 -23.15 -20.93 0.29
CA GLU B 76 -24.02 -21.89 -0.36
C GLU B 76 -24.85 -21.22 -1.45
N LYS B 77 -25.39 -20.04 -1.15
CA LYS B 77 -26.18 -19.29 -2.10
C LYS B 77 -25.42 -18.92 -3.38
N TRP B 78 -24.22 -18.38 -3.23
CA TRP B 78 -23.50 -17.85 -4.38
C TRP B 78 -22.43 -18.76 -4.97
N MET B 79 -22.06 -19.81 -4.25
CA MET B 79 -21.00 -20.71 -4.70
C MET B 79 -21.37 -22.19 -4.63
N GLY B 80 -22.55 -22.49 -4.10
CA GLY B 80 -22.96 -23.85 -3.81
C GLY B 80 -23.05 -24.75 -5.03
N ASN B 81 -23.43 -24.16 -6.16
CA ASN B 81 -23.61 -24.91 -7.40
C ASN B 81 -22.34 -24.94 -8.23
N LYS B 82 -21.26 -24.39 -7.69
CA LYS B 82 -19.98 -24.41 -8.39
C LYS B 82 -19.19 -25.62 -7.97
N ASN B 83 -18.17 -25.93 -8.76
CA ASN B 83 -17.36 -27.10 -8.51
C ASN B 83 -16.16 -26.73 -7.62
N VAL B 84 -16.44 -26.26 -6.42
CA VAL B 84 -15.40 -25.79 -5.51
C VAL B 84 -15.62 -26.20 -4.05
N GLY B 85 -14.53 -26.41 -3.32
CA GLY B 85 -14.64 -26.64 -1.89
C GLY B 85 -14.99 -25.33 -1.19
N LEU B 86 -15.66 -25.43 -0.04
CA LEU B 86 -16.07 -24.24 0.68
C LEU B 86 -15.63 -24.31 2.14
N SER B 87 -15.15 -23.18 2.65
CA SER B 87 -14.87 -23.06 4.08
C SER B 87 -15.42 -21.74 4.61
N ALA B 88 -16.13 -21.82 5.73
CA ALA B 88 -16.92 -20.69 6.23
C ALA B 88 -16.50 -20.26 7.61
N GLU B 89 -16.77 -18.99 7.94
CA GLU B 89 -16.55 -18.42 9.26
C GLU B 89 -15.11 -18.57 9.73
N HIS B 90 -14.19 -18.22 8.83
CA HIS B 90 -12.77 -18.15 9.13
C HIS B 90 -12.25 -19.48 9.65
N GLY B 91 -12.62 -20.57 8.99
CA GLY B 91 -12.08 -21.86 9.34
C GLY B 91 -12.93 -22.74 10.25
N CYS B 92 -14.15 -22.31 10.60
CA CYS B 92 -15.02 -23.10 11.48
C CYS B 92 -15.73 -24.26 10.76
N PHE B 93 -15.95 -24.12 9.44
CA PHE B 93 -16.69 -25.12 8.67
C PHE B 93 -15.96 -25.43 7.35
N MET B 94 -16.03 -26.68 6.90
CA MET B 94 -15.47 -27.09 5.61
C MET B 94 -16.49 -27.90 4.87
N LYS B 95 -16.50 -27.79 3.55
CA LYS B 95 -17.32 -28.64 2.71
C LYS B 95 -16.56 -29.06 1.46
N ASP B 96 -16.23 -30.34 1.41
CA ASP B 96 -15.50 -30.94 0.29
C ASP B 96 -16.28 -30.86 -1.00
N ILE B 97 -15.56 -30.86 -2.11
CA ILE B 97 -16.20 -30.84 -3.41
C ILE B 97 -17.03 -32.11 -3.54
N GLY B 98 -18.28 -31.96 -3.95
CA GLY B 98 -19.14 -33.11 -4.16
C GLY B 98 -19.97 -33.43 -2.92
N SER B 99 -19.37 -33.20 -1.75
CA SER B 99 -20.02 -33.53 -0.50
C SER B 99 -21.28 -32.69 -0.36
N LYS B 100 -22.28 -33.25 0.32
CA LYS B 100 -23.54 -32.55 0.49
C LYS B 100 -23.67 -32.13 1.94
N GLU B 101 -22.68 -32.48 2.76
CA GLU B 101 -22.73 -32.04 4.14
C GLU B 101 -21.44 -31.33 4.55
N TRP B 102 -21.61 -30.31 5.40
CA TRP B 102 -20.48 -29.57 5.94
C TRP B 102 -19.87 -30.28 7.14
N VAL B 103 -18.58 -30.07 7.36
CA VAL B 103 -17.97 -30.45 8.63
C VAL B 103 -17.81 -29.22 9.53
N ASN B 104 -18.30 -29.31 10.78
CA ASN B 104 -18.06 -28.25 11.77
C ASN B 104 -16.80 -28.54 12.55
N LEU B 105 -15.71 -27.86 12.21
CA LEU B 105 -14.44 -28.07 12.87
C LEU B 105 -14.45 -27.52 14.32
N ALA B 106 -15.47 -26.74 14.65
CA ALA B 106 -15.54 -26.13 15.97
C ALA B 106 -16.60 -26.78 16.88
N ALA B 107 -17.15 -27.90 16.43
CA ALA B 107 -18.31 -28.54 17.08
C ALA B 107 -18.13 -28.88 18.56
N SER B 108 -16.91 -29.14 18.98
CA SER B 108 -16.68 -29.63 20.34
C SER B 108 -16.32 -28.50 21.32
N PHE B 109 -16.21 -27.28 20.79
CA PHE B 109 -15.81 -26.15 21.61
C PHE B 109 -16.96 -25.60 22.42
N ASP B 110 -16.62 -25.08 23.59
CA ASP B 110 -17.54 -24.34 24.45
C ASP B 110 -17.90 -23.03 23.74
N MET B 111 -19.19 -22.77 23.58
CA MET B 111 -19.65 -21.58 22.86
C MET B 111 -20.27 -20.54 23.79
N SER B 112 -20.06 -20.70 25.10
CA SER B 112 -20.74 -19.84 26.07
C SER B 112 -20.15 -18.42 26.05
N TRP B 113 -19.03 -18.26 25.36
CA TRP B 113 -18.47 -16.93 25.16
C TRP B 113 -19.33 -16.08 24.22
N GLN B 114 -20.13 -16.72 23.38
CA GLN B 114 -20.88 -15.98 22.35
C GLN B 114 -21.79 -14.88 22.94
N GLU B 115 -22.55 -15.21 23.99
CA GLU B 115 -23.49 -14.24 24.56
C GLU B 115 -22.76 -13.10 25.24
N LYS B 116 -21.57 -13.39 25.76
CA LYS B 116 -20.72 -12.38 26.36
C LYS B 116 -20.16 -11.40 25.33
N VAL B 117 -19.70 -11.94 24.21
CA VAL B 117 -19.23 -11.09 23.12
C VAL B 117 -20.37 -10.25 22.62
N ASP B 118 -21.52 -10.90 22.47
CA ASP B 118 -22.73 -10.22 22.01
C ASP B 118 -23.10 -9.03 22.91
N ASP B 119 -23.16 -9.24 24.22
CA ASP B 119 -23.42 -8.12 25.13
C ASP B 119 -22.44 -6.97 24.92
N ILE B 120 -21.18 -7.30 24.74
CA ILE B 120 -20.16 -6.27 24.57
C ILE B 120 -20.35 -5.54 23.23
N PHE B 121 -20.65 -6.29 22.17
CA PHE B 121 -20.90 -5.69 20.87
C PHE B 121 -22.13 -4.77 20.94
N LYS B 122 -23.15 -5.20 21.68
CA LYS B 122 -24.37 -4.41 21.84
C LYS B 122 -24.08 -3.06 22.52
N TYR B 123 -23.17 -3.07 23.48
CA TYR B 123 -22.78 -1.85 24.16
C TYR B 123 -22.15 -0.87 23.16
N TYR B 124 -21.24 -1.35 22.31
CA TYR B 124 -20.56 -0.46 21.37
C TYR B 124 -21.46 -0.13 20.18
N THR B 125 -22.42 -1.00 19.88
CA THR B 125 -23.37 -0.70 18.82
C THR B 125 -24.19 0.54 19.23
N GLU B 126 -24.63 0.56 20.48
CA GLU B 126 -25.42 1.68 20.98
C GLU B 126 -24.61 2.97 21.02
N LYS B 127 -23.30 2.84 21.14
CA LYS B 127 -22.43 4.01 21.23
C LYS B 127 -21.86 4.43 19.89
N THR B 128 -22.21 3.69 18.84
CA THR B 128 -21.63 3.93 17.52
C THR B 128 -22.68 3.86 16.43
N PRO B 129 -23.30 5.00 16.11
CA PRO B 129 -24.32 5.05 15.07
C PRO B 129 -23.77 4.54 13.74
N GLY B 130 -24.56 3.73 13.04
CA GLY B 130 -24.10 3.18 11.76
C GLY B 130 -23.46 1.82 11.88
N SER B 131 -23.12 1.41 13.10
CA SER B 131 -22.56 0.09 13.34
C SER B 131 -23.68 -0.95 13.51
N ASN B 132 -23.34 -2.21 13.27
CA ASN B 132 -24.29 -3.30 13.52
C ASN B 132 -23.59 -4.63 13.81
N ILE B 133 -24.35 -5.56 14.35
CA ILE B 133 -23.84 -6.86 14.76
C ILE B 133 -24.29 -7.94 13.77
N GLU B 134 -23.33 -8.75 13.33
CA GLU B 134 -23.66 -9.91 12.48
C GLU B 134 -23.40 -11.19 13.26
N ARG B 135 -24.47 -11.94 13.54
CA ARG B 135 -24.36 -13.21 14.27
C ARG B 135 -24.37 -14.37 13.30
N LYS B 136 -23.22 -15.00 13.12
CA LYS B 136 -23.12 -16.20 12.29
C LYS B 136 -23.35 -17.41 13.20
N LYS B 137 -23.04 -18.62 12.74
CA LYS B 137 -23.29 -19.80 13.57
C LYS B 137 -22.33 -19.90 14.75
N VAL B 138 -21.06 -19.67 14.47
CA VAL B 138 -20.02 -19.69 15.49
C VAL B 138 -19.44 -18.28 15.68
N ALA B 139 -18.85 -17.75 14.61
CA ALA B 139 -18.23 -16.43 14.65
C ALA B 139 -19.27 -15.33 14.89
N LEU B 140 -18.84 -14.24 15.51
CA LEU B 140 -19.62 -13.02 15.60
C LEU B 140 -18.83 -11.87 15.00
N THR B 141 -19.52 -10.98 14.30
CA THR B 141 -18.87 -9.85 13.65
C THR B 141 -19.53 -8.53 14.04
N TRP B 142 -18.72 -7.54 14.41
CA TRP B 142 -19.23 -6.19 14.61
C TRP B 142 -18.77 -5.32 13.45
N HIS B 143 -19.72 -4.80 12.69
CA HIS B 143 -19.44 -3.97 11.53
C HIS B 143 -19.51 -2.48 11.88
N TYR B 144 -18.55 -1.68 11.45
CA TYR B 144 -18.65 -0.23 11.65
C TYR B 144 -18.30 0.59 10.40
N ARG B 145 -18.41 -0.04 9.22
CA ARG B 145 -18.10 0.64 7.96
C ARG B 145 -18.94 1.91 7.78
N ARG B 146 -20.22 1.81 8.12
CA ARG B 146 -21.15 2.92 7.98
C ARG B 146 -21.07 3.97 9.11
N ALA B 147 -20.23 3.73 10.11
CA ALA B 147 -20.12 4.68 11.22
C ALA B 147 -19.25 5.87 10.83
N ASP B 148 -19.30 6.92 11.64
CA ASP B 148 -18.39 8.05 11.46
C ASP B 148 -16.96 7.51 11.59
N PRO B 149 -16.09 7.86 10.63
CA PRO B 149 -14.74 7.28 10.62
C PRO B 149 -14.02 7.42 11.95
N ASP B 150 -13.96 8.64 12.48
CA ASP B 150 -13.17 8.87 13.68
C ASP B 150 -13.72 8.08 14.85
N LEU B 151 -15.03 8.18 15.06
CA LEU B 151 -15.68 7.50 16.16
C LEU B 151 -15.59 5.99 15.97
N GLY B 152 -15.89 5.54 14.75
CA GLY B 152 -15.79 4.14 14.40
C GLY B 152 -14.45 3.53 14.76
N ASN B 153 -13.36 4.15 14.33
CA ASN B 153 -12.02 3.68 14.64
C ASN B 153 -11.70 3.68 16.14
N PHE B 154 -12.17 4.72 16.83
CA PHE B 154 -11.93 4.83 18.28
C PHE B 154 -12.64 3.74 19.05
N GLN B 155 -13.95 3.65 18.83
CA GLN B 155 -14.76 2.65 19.49
C GLN B 155 -14.27 1.26 19.14
N ALA B 156 -13.84 1.05 17.89
CA ALA B 156 -13.35 -0.26 17.46
C ALA B 156 -12.11 -0.65 18.27
N GLU B 157 -11.19 0.29 18.44
CA GLU B 157 -9.96 -0.01 19.16
C GLU B 157 -10.29 -0.31 20.62
N LYS B 158 -11.31 0.32 21.17
CA LYS B 158 -11.59 0.09 22.59
C LYS B 158 -12.44 -1.13 22.81
N CYS B 159 -13.23 -1.49 21.81
CA CYS B 159 -13.95 -2.75 21.85
C CYS B 159 -12.98 -3.93 21.77
N MET B 160 -12.03 -3.87 20.84
CA MET B 160 -11.03 -4.92 20.75
C MET B 160 -10.23 -5.08 22.03
N LYS B 161 -9.83 -3.95 22.59
CA LYS B 161 -9.12 -3.92 23.86
C LYS B 161 -9.96 -4.60 24.94
N GLU B 162 -11.24 -4.25 25.00
CA GLU B 162 -12.11 -4.79 26.04
C GLU B 162 -12.35 -6.29 25.88
N LEU B 163 -12.53 -6.73 24.63
CA LEU B 163 -12.69 -8.15 24.34
C LEU B 163 -11.43 -8.93 24.71
N ASN B 164 -10.27 -8.39 24.37
CA ASN B 164 -9.00 -9.04 24.64
C ASN B 164 -8.66 -9.05 26.12
N ASP B 165 -9.25 -8.15 26.90
CA ASP B 165 -8.91 -8.10 28.32
C ASP B 165 -9.80 -8.99 29.14
N THR B 166 -10.95 -9.35 28.57
CA THR B 166 -11.92 -10.15 29.28
C THR B 166 -12.11 -11.52 28.60
N VAL B 167 -13.00 -11.57 27.60
CA VAL B 167 -13.38 -12.81 26.93
C VAL B 167 -12.18 -13.62 26.41
N ALA B 168 -11.20 -12.96 25.84
CA ALA B 168 -10.05 -13.66 25.25
C ALA B 168 -9.10 -14.20 26.31
N LYS B 169 -9.25 -13.70 27.54
CA LYS B 169 -8.52 -14.22 28.68
C LYS B 169 -9.24 -15.44 29.28
N GLU B 170 -10.56 -15.40 29.27
CA GLU B 170 -11.37 -16.48 29.83
C GLU B 170 -11.57 -17.67 28.88
N TYR B 171 -11.57 -17.40 27.57
CA TYR B 171 -11.78 -18.42 26.55
C TYR B 171 -10.67 -18.48 25.50
N ASP B 172 -10.54 -19.61 24.83
CA ASP B 172 -9.62 -19.70 23.71
C ASP B 172 -10.31 -19.15 22.47
N VAL B 173 -10.49 -17.84 22.44
CA VAL B 173 -11.07 -17.21 21.26
C VAL B 173 -10.11 -16.17 20.72
N GLU B 174 -10.24 -15.90 19.43
CA GLU B 174 -9.41 -14.91 18.77
C GLU B 174 -10.21 -13.64 18.51
N VAL B 175 -9.65 -12.48 18.84
CA VAL B 175 -10.30 -11.22 18.54
C VAL B 175 -9.60 -10.63 17.33
N MET B 176 -10.26 -10.71 16.17
CA MET B 176 -9.67 -10.40 14.88
C MET B 176 -10.14 -9.09 14.26
N ALA B 177 -9.21 -8.20 13.95
CA ALA B 177 -9.52 -6.98 13.23
C ALA B 177 -9.74 -7.32 11.74
N GLY B 178 -10.87 -6.90 11.20
CA GLY B 178 -11.10 -7.00 9.77
C GLY B 178 -11.32 -5.61 9.21
N LYS B 179 -11.46 -5.51 7.89
CA LYS B 179 -11.76 -4.25 7.23
C LYS B 179 -13.07 -3.70 7.78
N ALA B 180 -12.99 -2.60 8.51
CA ALA B 180 -14.15 -1.98 9.13
C ALA B 180 -14.98 -2.97 9.97
N ASN B 181 -14.33 -3.95 10.59
CA ASN B 181 -15.07 -4.80 11.51
C ASN B 181 -14.22 -5.40 12.61
N ILE B 182 -14.89 -6.01 13.59
CA ILE B 182 -14.20 -6.87 14.54
C ILE B 182 -14.84 -8.21 14.45
N GLU B 183 -14.03 -9.26 14.44
CA GLU B 183 -14.59 -10.59 14.36
C GLU B 183 -14.06 -11.41 15.54
N VAL B 184 -14.94 -12.21 16.15
CA VAL B 184 -14.51 -13.06 17.24
C VAL B 184 -14.84 -14.51 16.90
N ARG B 185 -13.85 -15.38 17.03
CA ARG B 185 -14.04 -16.80 16.73
C ARG B 185 -13.07 -17.64 17.52
N PRO B 186 -13.32 -18.96 17.62
CA PRO B 186 -12.42 -19.84 18.38
C PRO B 186 -11.00 -19.76 17.88
N LYS B 187 -10.06 -19.79 18.83
CA LYS B 187 -8.67 -19.55 18.54
C LYS B 187 -8.06 -20.66 17.71
N PHE B 188 -8.53 -21.88 17.90
CA PHE B 188 -7.84 -22.98 17.27
C PHE B 188 -8.50 -23.48 16.00
N VAL B 189 -9.51 -22.74 15.53
CA VAL B 189 -9.92 -22.85 14.12
C VAL B 189 -9.55 -21.53 13.43
N ASN B 190 -9.02 -21.64 12.21
CA ASN B 190 -8.63 -20.47 11.43
C ASN B 190 -8.31 -20.86 9.99
N LYS B 191 -8.15 -19.86 9.13
CA LYS B 191 -7.92 -20.13 7.72
C LYS B 191 -6.58 -20.85 7.51
N GLY B 192 -5.63 -20.61 8.41
CA GLY B 192 -4.34 -21.29 8.34
C GLY B 192 -4.47 -22.79 8.55
N GLU B 193 -5.37 -23.17 9.46
CA GLU B 193 -5.68 -24.57 9.72
C GLU B 193 -6.31 -25.22 8.49
N ILE B 194 -7.23 -24.49 7.85
CA ILE B 194 -7.86 -24.99 6.62
C ILE B 194 -6.81 -25.29 5.57
N VAL B 195 -5.89 -24.34 5.38
CA VAL B 195 -4.86 -24.45 4.35
C VAL B 195 -3.96 -25.65 4.60
N LYS B 196 -3.59 -25.87 5.85
CA LYS B 196 -2.79 -27.03 6.22
C LYS B 196 -3.51 -28.33 5.86
N ARG B 197 -4.80 -28.40 6.15
CA ARG B 197 -5.58 -29.60 5.89
C ARG B 197 -5.74 -29.89 4.40
N LEU B 198 -5.63 -28.85 3.59
CA LEU B 198 -5.83 -28.97 2.15
C LEU B 198 -4.50 -29.20 1.45
N VAL B 199 -3.46 -28.57 1.92
CA VAL B 199 -2.16 -28.70 1.28
C VAL B 199 -1.47 -30.01 1.66
N LEU B 200 -1.42 -30.31 2.96
CA LEU B 200 -0.79 -31.54 3.43
C LEU B 200 -1.81 -32.68 3.39
N HIS B 201 -2.12 -33.10 2.16
CA HIS B 201 -3.24 -33.96 1.88
C HIS B 201 -3.12 -34.45 0.44
N PRO B 202 -3.56 -35.69 0.16
CA PRO B 202 -3.56 -36.19 -1.23
C PRO B 202 -4.40 -35.25 -2.09
N HIS B 203 -3.81 -34.75 -3.17
CA HIS B 203 -4.50 -33.80 -4.02
C HIS B 203 -5.83 -34.32 -4.53
N GLY B 204 -6.88 -33.53 -4.33
CA GLY B 204 -8.22 -33.92 -4.75
C GLY B 204 -8.97 -34.82 -3.79
N ALA B 205 -8.29 -35.40 -2.81
CA ALA B 205 -8.97 -36.31 -1.92
C ALA B 205 -9.80 -35.55 -0.89
N LYS B 206 -10.93 -36.13 -0.52
CA LYS B 206 -11.83 -35.52 0.45
C LYS B 206 -11.22 -35.53 1.84
N GLN B 207 -11.88 -34.79 2.74
CA GLN B 207 -11.60 -34.79 4.18
C GLN B 207 -10.34 -34.00 4.55
N ASP B 218 1.89 -39.90 6.38
CA ASP B 218 2.59 -39.02 5.45
C ASP B 218 1.93 -39.06 4.07
N ILE B 219 2.02 -37.94 3.34
CA ILE B 219 1.54 -37.87 1.97
C ILE B 219 2.71 -37.95 1.00
N PRO B 220 2.71 -39.00 0.18
CA PRO B 220 3.72 -39.19 -0.87
C PRO B 220 3.83 -37.95 -1.75
N ILE B 221 5.06 -37.50 -2.02
CA ILE B 221 5.31 -36.25 -2.73
C ILE B 221 4.53 -36.21 -4.04
N GLU B 222 4.35 -37.39 -4.63
CA GLU B 222 3.61 -37.58 -5.87
C GLU B 222 2.14 -37.13 -5.74
N GLU B 223 1.66 -37.04 -4.49
CA GLU B 223 0.26 -36.74 -4.22
C GLU B 223 0.04 -35.33 -3.67
N LEU B 224 1.14 -34.65 -3.35
CA LEU B 224 1.07 -33.28 -2.85
C LEU B 224 0.82 -32.31 -3.99
N PRO B 225 0.20 -31.16 -3.70
CA PRO B 225 0.10 -30.11 -4.72
C PRO B 225 1.50 -29.66 -5.18
N ASP B 226 1.64 -29.32 -6.46
CA ASP B 226 2.91 -28.78 -6.96
C ASP B 226 2.71 -27.35 -7.43
N PHE B 227 1.51 -26.84 -7.25
CA PHE B 227 1.17 -25.45 -7.56
C PHE B 227 0.09 -25.01 -6.58
N MET B 228 0.39 -24.02 -5.76
CA MET B 228 -0.59 -23.50 -4.82
C MET B 228 -0.68 -21.99 -4.96
N LEU B 229 -1.85 -21.49 -5.32
CA LEU B 229 -2.03 -20.05 -5.42
C LEU B 229 -3.04 -19.64 -4.39
N CYS B 230 -2.62 -18.75 -3.50
CA CYS B 230 -3.46 -18.36 -2.37
C CYS B 230 -3.62 -16.85 -2.36
N LEU B 231 -4.86 -16.39 -2.37
CA LEU B 231 -5.14 -14.95 -2.42
C LEU B 231 -6.05 -14.50 -1.30
N GLY B 232 -5.71 -13.37 -0.66
CA GLY B 232 -6.59 -12.78 0.34
C GLY B 232 -6.24 -11.33 0.61
N ASP B 233 -7.17 -10.60 1.24
CA ASP B 233 -7.03 -9.14 1.33
C ASP B 233 -7.00 -8.65 2.76
N ASP B 234 -7.23 -9.54 3.73
CA ASP B 234 -7.44 -9.08 5.10
C ASP B 234 -6.62 -9.87 6.14
N LEU B 235 -6.70 -9.47 7.40
CA LEU B 235 -5.88 -10.06 8.45
C LEU B 235 -6.13 -11.57 8.60
N THR B 236 -7.40 -11.97 8.52
CA THR B 236 -7.73 -13.42 8.56
C THR B 236 -6.88 -14.22 7.54
N ASP B 237 -6.58 -13.60 6.41
CA ASP B 237 -5.90 -14.28 5.32
C ASP B 237 -4.40 -14.42 5.57
N GLU B 238 -3.88 -13.58 6.45
CA GLU B 238 -2.50 -13.71 6.88
C GLU B 238 -2.25 -15.10 7.49
N ASP B 239 -3.29 -15.68 8.09
CA ASP B 239 -3.19 -17.06 8.60
C ASP B 239 -2.91 -18.04 7.46
N MET B 240 -3.52 -17.82 6.29
CA MET B 240 -3.25 -18.68 5.15
C MET B 240 -1.82 -18.48 4.67
N PHE B 241 -1.39 -17.22 4.57
CA PHE B 241 -0.05 -16.94 4.05
C PHE B 241 1.01 -17.54 4.97
N ASN B 242 0.83 -17.32 6.28
CA ASN B 242 1.77 -17.88 7.26
C ASN B 242 1.87 -19.39 7.16
N SER B 243 0.72 -20.07 7.07
CA SER B 243 0.72 -21.53 6.95
C SER B 243 1.45 -22.02 5.72
N LEU B 244 1.23 -21.36 4.59
CA LEU B 244 1.93 -21.73 3.36
C LEU B 244 3.43 -21.50 3.50
N ASN B 245 3.81 -20.38 4.11
CA ASN B 245 5.22 -20.12 4.35
C ASN B 245 5.85 -21.20 5.23
N GLU B 246 5.14 -21.62 6.27
CA GLU B 246 5.62 -22.70 7.15
C GLU B 246 5.77 -24.03 6.42
N ILE B 247 4.79 -24.34 5.58
CA ILE B 247 4.83 -25.57 4.81
C ILE B 247 5.98 -25.54 3.83
N ASN B 248 6.17 -24.39 3.19
CA ASN B 248 7.26 -24.22 2.23
C ASN B 248 8.60 -24.40 2.95
N LYS B 249 8.70 -23.86 4.16
CA LYS B 249 9.94 -23.93 4.92
C LYS B 249 10.24 -25.35 5.40
N LYS B 250 9.21 -26.11 5.76
CA LYS B 250 9.42 -27.50 6.15
C LYS B 250 9.92 -28.32 4.98
N TRP B 251 9.31 -28.13 3.81
CA TRP B 251 9.72 -28.82 2.59
C TRP B 251 11.18 -28.51 2.24
N LYS B 252 11.64 -27.31 2.57
CA LYS B 252 13.01 -26.93 2.26
C LYS B 252 13.96 -27.49 3.30
N GLY B 253 13.43 -27.74 4.50
CA GLY B 253 14.17 -28.42 5.55
C GLY B 253 14.41 -29.88 5.22
N ASP B 254 13.45 -30.52 4.60
CA ASP B 254 13.60 -31.89 4.16
C ASP B 254 14.33 -31.99 2.85
N ASN B 255 14.76 -30.87 2.36
CA ASN B 255 15.43 -30.81 1.09
C ASN B 255 14.71 -31.56 -0.01
N ARG B 256 13.42 -31.33 -0.11
CA ARG B 256 12.67 -31.90 -1.17
C ARG B 256 13.19 -31.31 -2.46
N PRO B 257 13.25 -32.13 -3.48
CA PRO B 257 13.63 -31.64 -4.82
C PRO B 257 12.71 -30.55 -5.33
N THR B 258 13.29 -29.43 -5.75
CA THR B 258 12.51 -28.31 -6.26
C THR B 258 12.14 -28.49 -7.73
N ASN B 259 11.24 -27.65 -8.22
CA ASN B 259 10.85 -27.70 -9.63
C ASN B 259 11.88 -26.97 -10.50
N LYS B 260 11.58 -26.85 -11.79
CA LYS B 260 12.49 -26.18 -12.71
C LYS B 260 12.70 -24.69 -12.39
N PHE B 261 11.85 -24.10 -11.57
CA PHE B 261 11.97 -22.67 -11.25
C PHE B 261 12.62 -22.49 -9.88
N GLY B 262 13.16 -23.57 -9.33
CA GLY B 262 13.80 -23.54 -8.02
C GLY B 262 12.87 -23.34 -6.83
N SER B 263 11.58 -23.60 -7.03
CA SER B 263 10.60 -23.46 -5.94
C SER B 263 9.79 -24.73 -5.73
N TYR B 264 8.76 -24.64 -4.89
CA TYR B 264 7.81 -25.73 -4.71
C TYR B 264 6.41 -25.37 -5.24
N GLY B 265 6.34 -24.28 -5.99
CA GLY B 265 5.09 -23.85 -6.58
C GLY B 265 4.13 -23.16 -5.61
N VAL B 266 4.66 -22.63 -4.51
CA VAL B 266 3.83 -21.99 -3.49
C VAL B 266 3.79 -20.47 -3.68
N TYR B 267 2.58 -19.95 -3.92
CA TYR B 267 2.41 -18.52 -4.19
C TYR B 267 1.38 -17.87 -3.28
N PRO B 268 1.80 -17.43 -2.08
CA PRO B 268 0.88 -16.67 -1.24
C PRO B 268 0.87 -15.19 -1.63
N VAL B 269 -0.31 -14.66 -1.96
CA VAL B 269 -0.44 -13.34 -2.57
C VAL B 269 -1.51 -12.48 -1.92
N ALA B 270 -1.10 -11.33 -1.39
CA ALA B 270 -2.01 -10.38 -0.79
C ALA B 270 -2.70 -9.55 -1.83
N VAL B 271 -3.96 -9.22 -1.57
CA VAL B 271 -4.69 -8.30 -2.41
C VAL B 271 -4.69 -6.96 -1.69
N GLY B 272 -4.03 -5.97 -2.28
CA GLY B 272 -3.84 -4.66 -1.65
C GLY B 272 -2.61 -4.01 -2.27
N PRO B 273 -2.25 -2.81 -1.79
CA PRO B 273 -1.12 -2.09 -2.38
C PRO B 273 0.22 -2.71 -1.98
N ALA B 274 1.29 -2.34 -2.68
CA ALA B 274 2.64 -2.84 -2.41
C ALA B 274 3.06 -2.57 -0.95
N SER B 275 2.55 -1.48 -0.40
CA SER B 275 2.95 -1.05 0.94
C SER B 275 2.21 -1.79 2.05
N LYS B 276 1.17 -2.54 1.67
CA LYS B 276 0.41 -3.34 2.62
C LYS B 276 1.36 -4.28 3.34
N LYS B 277 1.30 -4.28 4.67
CA LYS B 277 2.13 -5.20 5.45
C LYS B 277 1.52 -6.60 5.39
N THR B 278 2.35 -7.59 5.08
CA THR B 278 1.86 -8.94 4.83
C THR B 278 3.04 -9.88 4.85
N VAL B 279 2.79 -11.15 5.13
CA VAL B 279 3.84 -12.13 5.01
C VAL B 279 3.73 -12.81 3.63
N ALA B 280 2.77 -12.38 2.83
CA ALA B 280 2.67 -12.87 1.44
C ALA B 280 3.91 -12.43 0.66
N ILE B 281 4.24 -13.16 -0.40
CA ILE B 281 5.46 -12.91 -1.17
C ILE B 281 5.25 -11.92 -2.32
N ALA B 282 4.00 -11.62 -2.63
CA ALA B 282 3.68 -10.72 -3.72
C ALA B 282 2.30 -10.15 -3.49
N HIS B 283 1.96 -9.11 -4.25
CA HIS B 283 0.63 -8.53 -4.14
C HIS B 283 -0.03 -8.31 -5.50
N LEU B 284 -1.36 -8.17 -5.46
CA LEU B 284 -2.12 -7.66 -6.59
C LEU B 284 -2.99 -6.58 -5.99
N ASN B 285 -3.15 -5.47 -6.69
CA ASN B 285 -3.76 -4.29 -6.09
C ASN B 285 -5.22 -4.47 -5.69
N GLU B 286 -6.01 -5.10 -6.57
CA GLU B 286 -7.45 -5.20 -6.36
C GLU B 286 -8.02 -6.46 -6.98
N PRO B 287 -9.29 -6.79 -6.64
CA PRO B 287 -9.95 -7.94 -7.27
C PRO B 287 -9.88 -7.87 -8.81
N ARG B 288 -9.96 -6.67 -9.37
CA ARG B 288 -9.84 -6.53 -10.82
C ARG B 288 -8.61 -7.25 -11.35
N GLN B 289 -7.44 -7.00 -10.76
CA GLN B 289 -6.21 -7.70 -11.18
C GLN B 289 -6.21 -9.19 -10.82
N VAL B 290 -6.91 -9.54 -9.75
CA VAL B 290 -7.04 -10.95 -9.39
C VAL B 290 -7.73 -11.71 -10.50
N LEU B 291 -8.88 -11.20 -10.96
CA LEU B 291 -9.65 -11.89 -11.99
C LEU B 291 -8.88 -11.90 -13.32
N GLU B 292 -8.14 -10.83 -13.60
CA GLU B 292 -7.24 -10.79 -14.77
C GLU B 292 -6.24 -11.92 -14.70
N THR B 293 -5.65 -12.10 -13.52
CA THR B 293 -4.65 -13.13 -13.28
C THR B 293 -5.26 -14.53 -13.43
N LEU B 294 -6.42 -14.74 -12.83
CA LEU B 294 -7.09 -16.03 -12.90
C LEU B 294 -7.55 -16.35 -14.33
N GLY B 295 -8.06 -15.34 -15.03
CA GLY B 295 -8.44 -15.47 -16.43
C GLY B 295 -7.29 -15.92 -17.32
N LEU B 296 -6.10 -15.37 -17.08
CA LEU B 296 -4.89 -15.80 -17.77
C LEU B 296 -4.56 -17.29 -17.55
N LEU B 297 -4.58 -17.72 -16.30
CA LEU B 297 -4.36 -19.13 -15.99
C LEU B 297 -5.45 -19.99 -16.61
N ALA B 298 -6.66 -19.47 -16.67
CA ALA B 298 -7.78 -20.21 -17.19
C ALA B 298 -7.65 -20.37 -18.70
N GLY B 299 -6.75 -19.58 -19.29
CA GLY B 299 -6.57 -19.54 -20.73
C GLY B 299 -7.63 -18.67 -21.38
N LEU B 300 -8.25 -17.76 -20.62
CA LEU B 300 -9.33 -16.95 -21.16
C LEU B 300 -8.80 -15.64 -21.73
N VAL B 301 -7.91 -15.76 -22.71
CA VAL B 301 -7.33 -14.60 -23.36
C VAL B 301 -7.40 -14.87 -24.85
N SER B 302 -7.36 -13.80 -25.63
CA SER B 302 -7.39 -13.93 -27.10
C SER B 302 -6.87 -12.65 -27.77
#